data_1JHA
#
_entry.id   1JHA
#
_cell.length_a   71.640
_cell.length_b   89.920
_cell.length_c   47.630
_cell.angle_alpha   90.00
_cell.angle_beta   90.00
_cell.angle_gamma   90.00
#
_symmetry.space_group_name_H-M   'P 21 21 2'
#
loop_
_entity.id
_entity.type
_entity.pdbx_description
1 polymer 'Nicotinate Mononucleotide:5,6-Dimethylbenzimidazole Phosphoribosyltransferase'
2 non-polymer 'ALPHA-ADENOSINE MONOPHOSPHATE'
3 non-polymer 'NICOTINIC ACID'
4 water water
#
_entity_poly.entity_id   1
_entity_poly.type   'polypeptide(L)'
_entity_poly.pdbx_seq_one_letter_code
;MQTLHALLRDIPAPDAEAMARTQQHIDGLLKPPGSLGRLETLAVQLAGMPGLNGTPQVGEKAVLVMCADHGVWDEGVAVS
PKIVTAIQAANMTRGTTGVCVLAAQAGAKVHVIDVGIDAEPIPGVVNMRVARGCGNIAVGPAMSRLQAEALLLEVSRYTC
DLAQRGVTLFGVGELGMANTTPAAAMVSVFTGSDAKEVVGIGANLPPSRIDNKVDVVRRAIAINQPNPRDGIDVLSKVGG
FDLVGMTGVMLGAARCGLPVLLDGFLSYSAALAACQIAPAVRPYLIPSHFSAEKGARIALAHLSMEPYLHMAMRLGEGSG
AALAMPIVEAACAMFHNMGELAASNIVLPEGNANAT
;
_entity_poly.pdbx_strand_id   A
#
# COMPACT_ATOMS: atom_id res chain seq x y z
N LEU A 4 -12.21 7.55 15.36
CA LEU A 4 -12.03 6.62 14.25
C LEU A 4 -13.29 6.43 13.44
N HIS A 5 -14.41 6.37 14.13
CA HIS A 5 -15.67 6.24 13.42
C HIS A 5 -15.85 7.54 12.64
N ALA A 6 -15.36 8.62 13.27
CA ALA A 6 -15.38 9.96 12.70
C ALA A 6 -14.63 9.96 11.39
N LEU A 7 -13.36 9.60 11.54
CA LEU A 7 -12.46 9.51 10.44
C LEU A 7 -13.08 8.80 9.25
N LEU A 8 -13.65 7.63 9.51
CA LEU A 8 -14.24 6.82 8.47
C LEU A 8 -15.44 7.46 7.81
N ARG A 9 -16.28 8.02 8.64
CA ARG A 9 -17.48 8.69 8.19
C ARG A 9 -17.17 9.80 7.22
N ASP A 10 -16.09 10.51 7.56
CA ASP A 10 -15.63 11.68 6.83
C ASP A 10 -14.78 11.50 5.58
N ILE A 11 -14.64 10.29 5.04
CA ILE A 11 -13.85 10.09 3.81
C ILE A 11 -14.71 10.60 2.67
N PRO A 12 -14.20 11.53 1.86
CA PRO A 12 -15.00 12.09 0.77
C PRO A 12 -15.20 11.17 -0.39
N ALA A 13 -16.35 11.36 -1.05
CA ALA A 13 -16.62 10.63 -2.26
C ALA A 13 -15.89 11.36 -3.37
N PRO A 14 -15.69 10.71 -4.51
CA PRO A 14 -15.01 11.42 -5.59
C PRO A 14 -15.90 12.48 -6.22
N ASP A 15 -15.25 13.52 -6.75
CA ASP A 15 -15.92 14.63 -7.39
C ASP A 15 -16.27 14.33 -8.85
N ALA A 16 -17.47 13.81 -9.08
CA ALA A 16 -17.88 13.48 -10.45
C ALA A 16 -17.85 14.68 -11.41
N GLU A 17 -18.07 15.88 -10.88
CA GLU A 17 -18.11 17.06 -11.73
C GLU A 17 -16.75 17.31 -12.34
N ALA A 18 -15.73 17.30 -11.47
CA ALA A 18 -14.37 17.50 -11.91
C ALA A 18 -13.99 16.42 -12.92
N MET A 19 -14.40 15.18 -12.61
CA MET A 19 -14.10 14.06 -13.50
C MET A 19 -14.69 14.26 -14.88
N ALA A 20 -15.93 14.74 -14.94
CA ALA A 20 -16.59 15.00 -16.22
C ALA A 20 -15.79 16.04 -17.00
N ARG A 21 -15.40 17.11 -16.32
CA ARG A 21 -14.61 18.14 -16.96
C ARG A 21 -13.27 17.61 -17.46
N THR A 22 -12.68 16.72 -16.70
CA THR A 22 -11.39 16.17 -17.09
C THR A 22 -11.49 15.35 -18.36
N GLN A 23 -12.51 14.50 -18.38
CA GLN A 23 -12.73 13.63 -19.51
C GLN A 23 -12.91 14.41 -20.81
N GLN A 24 -13.72 15.47 -20.75
CA GLN A 24 -13.94 16.30 -21.93
C GLN A 24 -12.64 16.96 -22.37
N HIS A 25 -11.85 17.44 -21.42
CA HIS A 25 -10.60 18.07 -21.78
C HIS A 25 -9.65 17.09 -22.45
N ILE A 26 -9.59 15.91 -21.87
CA ILE A 26 -8.75 14.86 -22.40
C ILE A 26 -9.16 14.46 -23.81
N ASP A 27 -10.46 14.40 -24.04
CA ASP A 27 -10.96 14.01 -25.35
C ASP A 27 -10.56 15.01 -26.43
N GLY A 28 -10.36 16.28 -26.04
CA GLY A 28 -10.00 17.31 -26.99
C GLY A 28 -8.51 17.44 -27.28
N LEU A 29 -7.71 16.67 -26.60
CA LEU A 29 -6.29 16.79 -26.81
C LEU A 29 -5.84 16.32 -28.20
N LEU A 30 -4.62 16.72 -28.58
CA LEU A 30 -3.98 16.47 -29.86
C LEU A 30 -3.67 14.99 -30.10
N LYS A 31 -4.71 14.18 -30.23
CA LYS A 31 -4.54 12.75 -30.44
C LYS A 31 -5.88 12.13 -30.72
N PRO A 32 -5.84 10.89 -31.21
CA PRO A 32 -7.08 10.17 -31.46
C PRO A 32 -7.71 9.88 -30.12
N PRO A 33 -9.02 10.12 -29.99
CA PRO A 33 -9.68 9.88 -28.73
C PRO A 33 -9.43 8.48 -28.20
N GLY A 34 -9.12 8.44 -26.89
CA GLY A 34 -8.85 7.25 -26.11
C GLY A 34 -7.51 6.56 -26.36
N SER A 35 -6.70 7.12 -27.30
CA SER A 35 -5.43 6.54 -27.68
C SER A 35 -4.39 6.38 -26.59
N LEU A 36 -4.48 7.19 -25.54
CA LEU A 36 -3.53 7.09 -24.45
C LEU A 36 -4.00 6.16 -23.31
N GLY A 37 -5.03 5.40 -23.60
CA GLY A 37 -5.60 4.40 -22.70
C GLY A 37 -5.61 4.68 -21.21
N ARG A 38 -4.91 3.81 -20.46
CA ARG A 38 -4.84 3.88 -19.00
C ARG A 38 -4.27 5.19 -18.45
N LEU A 39 -3.55 5.92 -19.28
CA LEU A 39 -3.01 7.19 -18.84
C LEU A 39 -4.15 8.20 -18.74
N GLU A 40 -5.15 8.04 -19.61
CA GLU A 40 -6.32 8.91 -19.64
C GLU A 40 -7.19 8.63 -18.43
N THR A 41 -7.45 7.34 -18.21
CA THR A 41 -8.22 6.85 -17.09
C THR A 41 -7.60 7.28 -15.76
N LEU A 42 -6.27 7.20 -15.69
CA LEU A 42 -5.57 7.62 -14.50
C LEU A 42 -5.80 9.10 -14.23
N ALA A 43 -5.64 9.90 -15.28
CA ALA A 43 -5.85 11.33 -15.18
C ALA A 43 -7.24 11.66 -14.65
N VAL A 44 -8.24 10.96 -15.15
CA VAL A 44 -9.60 11.21 -14.72
C VAL A 44 -9.76 10.81 -13.27
N GLN A 45 -9.16 9.69 -12.90
CA GLN A 45 -9.27 9.26 -11.54
C GLN A 45 -8.73 10.33 -10.59
N LEU A 46 -7.55 10.83 -10.93
CA LEU A 46 -6.90 11.85 -10.13
C LEU A 46 -7.76 13.11 -9.98
N ALA A 47 -8.37 13.52 -11.08
CA ALA A 47 -9.19 14.70 -11.08
C ALA A 47 -10.33 14.63 -10.08
N GLY A 48 -10.80 13.42 -9.79
CA GLY A 48 -11.91 13.23 -8.86
C GLY A 48 -11.54 13.28 -7.38
N MET A 49 -10.23 13.28 -7.09
CA MET A 49 -9.70 13.33 -5.72
C MET A 49 -9.71 14.75 -5.15
N PRO A 50 -10.57 14.98 -4.16
CA PRO A 50 -10.76 16.31 -3.59
C PRO A 50 -9.55 17.08 -3.15
N GLY A 51 -8.60 16.35 -2.62
CA GLY A 51 -7.38 16.96 -2.16
C GLY A 51 -6.55 17.50 -3.31
N LEU A 52 -6.95 17.19 -4.53
CA LEU A 52 -6.22 17.60 -5.72
C LEU A 52 -6.76 18.86 -6.37
N ASN A 53 -7.82 19.44 -5.84
CA ASN A 53 -8.20 20.68 -6.50
C ASN A 53 -8.72 20.64 -7.94
N GLY A 54 -9.57 19.68 -8.23
CA GLY A 54 -10.25 19.54 -9.50
C GLY A 54 -9.40 19.28 -10.71
N THR A 55 -8.15 18.90 -10.50
CA THR A 55 -7.32 18.64 -11.65
C THR A 55 -6.23 17.63 -11.32
N PRO A 56 -5.79 16.89 -12.34
CA PRO A 56 -4.72 15.95 -12.10
C PRO A 56 -3.45 16.76 -11.84
N GLN A 57 -2.86 16.61 -10.66
CA GLN A 57 -1.64 17.33 -10.35
C GLN A 57 -0.88 16.60 -9.29
N VAL A 58 0.44 16.78 -9.30
CA VAL A 58 1.30 16.18 -8.31
C VAL A 58 2.23 17.24 -7.76
N GLY A 59 2.19 17.44 -6.45
CA GLY A 59 3.04 18.38 -5.74
C GLY A 59 4.18 17.58 -5.13
N GLU A 60 4.29 17.56 -3.80
CA GLU A 60 5.35 16.73 -3.19
C GLU A 60 4.91 15.29 -3.07
N LYS A 61 5.90 14.40 -3.05
CA LYS A 61 5.70 12.96 -2.96
C LYS A 61 6.39 12.35 -1.76
N ALA A 62 5.70 11.45 -1.07
CA ALA A 62 6.26 10.81 0.09
C ALA A 62 6.01 9.31 0.07
N VAL A 63 6.98 8.56 0.52
CA VAL A 63 6.83 7.13 0.63
C VAL A 63 6.93 6.77 2.09
N LEU A 64 5.87 6.20 2.64
CA LEU A 64 5.86 5.80 4.06
C LEU A 64 6.20 4.33 4.27
N VAL A 65 7.29 4.08 4.98
CA VAL A 65 7.75 2.74 5.26
C VAL A 65 7.50 2.33 6.70
N MET A 66 6.58 1.38 6.89
CA MET A 66 6.20 0.88 8.19
C MET A 66 7.03 -0.33 8.55
N CYS A 67 7.81 -0.22 9.62
CA CYS A 67 8.68 -1.31 10.02
C CYS A 67 8.24 -1.93 11.34
N ALA A 68 8.32 -3.27 11.37
CA ALA A 68 7.94 -4.02 12.54
C ALA A 68 8.38 -5.48 12.49
N ASP A 69 8.53 -6.07 13.69
CA ASP A 69 8.90 -7.47 13.80
C ASP A 69 7.67 -8.29 14.12
N HIS A 70 7.75 -9.59 13.84
CA HIS A 70 6.63 -10.51 14.02
C HIS A 70 7.00 -11.74 14.82
N GLY A 71 6.16 -12.10 15.78
CA GLY A 71 6.45 -13.27 16.59
C GLY A 71 6.52 -14.56 15.78
N VAL A 72 5.76 -14.60 14.68
CA VAL A 72 5.71 -15.79 13.85
C VAL A 72 7.05 -16.15 13.22
N TRP A 73 8.04 -15.27 13.36
CA TRP A 73 9.36 -15.53 12.80
C TRP A 73 9.91 -16.81 13.42
N ASP A 74 9.53 -17.03 14.67
CA ASP A 74 10.00 -18.19 15.41
C ASP A 74 9.48 -19.50 14.87
N GLU A 75 8.52 -19.42 13.93
CA GLU A 75 7.91 -20.62 13.36
C GLU A 75 8.70 -21.21 12.19
N GLY A 76 9.86 -20.63 11.89
CA GLY A 76 10.70 -21.12 10.81
C GLY A 76 10.19 -20.70 9.43
N VAL A 77 9.37 -19.64 9.39
CA VAL A 77 8.82 -19.18 8.13
C VAL A 77 9.65 -18.18 7.35
N ALA A 78 10.79 -17.74 7.92
CA ALA A 78 11.66 -16.74 7.26
C ALA A 78 13.15 -17.04 7.40
N VAL A 79 13.85 -16.89 6.29
CA VAL A 79 15.25 -17.18 6.25
C VAL A 79 16.14 -15.96 6.51
N SER A 80 15.54 -14.79 6.57
CA SER A 80 16.34 -13.64 6.90
C SER A 80 16.44 -13.61 8.42
N PRO A 81 17.60 -13.25 8.94
CA PRO A 81 17.76 -13.13 10.38
C PRO A 81 16.88 -11.98 10.88
N LYS A 82 16.28 -12.16 12.04
CA LYS A 82 15.37 -11.19 12.58
C LYS A 82 15.86 -9.76 12.65
N ILE A 83 17.15 -9.65 12.92
CA ILE A 83 17.81 -8.38 13.06
C ILE A 83 17.82 -7.54 11.79
N VAL A 84 17.63 -8.19 10.65
CA VAL A 84 17.60 -7.46 9.40
C VAL A 84 16.58 -6.31 9.42
N THR A 85 15.46 -6.48 10.12
CA THR A 85 14.46 -5.39 10.17
C THR A 85 15.09 -4.10 10.70
N ALA A 86 15.73 -4.23 11.87
CA ALA A 86 16.38 -3.11 12.53
C ALA A 86 17.52 -2.53 11.72
N ILE A 87 18.30 -3.41 11.11
CA ILE A 87 19.43 -2.95 10.30
C ILE A 87 18.99 -2.12 9.09
N GLN A 88 18.07 -2.71 8.33
CA GLN A 88 17.53 -2.10 7.13
C GLN A 88 16.79 -0.84 7.48
N ALA A 89 16.16 -0.87 8.65
CA ALA A 89 15.43 0.28 9.11
C ALA A 89 16.41 1.45 9.25
N ALA A 90 17.56 1.15 9.83
CA ALA A 90 18.59 2.17 9.99
C ALA A 90 19.08 2.64 8.61
N ASN A 91 19.31 1.66 7.72
CA ASN A 91 19.76 1.94 6.37
C ASN A 91 18.83 2.88 5.63
N MET A 92 17.55 2.74 5.93
CA MET A 92 16.56 3.61 5.32
C MET A 92 16.95 5.06 5.57
N THR A 93 17.53 5.31 6.75
CA THR A 93 17.92 6.66 7.14
C THR A 93 19.15 7.16 6.39
N ARG A 94 19.90 6.22 5.83
CA ARG A 94 21.11 6.55 5.10
C ARG A 94 20.93 6.64 3.60
N GLY A 95 19.73 6.30 3.11
CA GLY A 95 19.43 6.38 1.69
C GLY A 95 20.08 5.29 0.85
N THR A 96 20.45 4.16 1.45
CA THR A 96 21.11 3.11 0.68
C THR A 96 20.24 1.95 0.25
N THR A 97 19.00 1.91 0.75
CA THR A 97 18.04 0.84 0.42
C THR A 97 17.42 0.98 -0.97
N GLY A 98 16.79 -0.10 -1.44
CA GLY A 98 16.18 -0.06 -2.77
C GLY A 98 15.11 1.02 -2.85
N VAL A 99 14.24 1.12 -1.84
CA VAL A 99 13.20 2.12 -1.91
C VAL A 99 13.76 3.53 -1.92
N CYS A 100 14.81 3.75 -1.11
CA CYS A 100 15.46 5.05 -1.03
C CYS A 100 15.97 5.55 -2.37
N VAL A 101 16.69 4.65 -3.02
CA VAL A 101 17.28 4.92 -4.32
C VAL A 101 16.22 5.21 -5.40
N LEU A 102 15.15 4.42 -5.39
CA LEU A 102 14.09 4.57 -6.37
C LEU A 102 13.27 5.81 -6.08
N ALA A 103 13.08 6.13 -4.79
CA ALA A 103 12.37 7.33 -4.40
C ALA A 103 13.12 8.58 -4.87
N ALA A 104 14.43 8.60 -4.60
CA ALA A 104 15.28 9.72 -4.98
C ALA A 104 15.18 9.97 -6.47
N GLN A 105 15.16 8.88 -7.22
CA GLN A 105 15.04 8.98 -8.66
C GLN A 105 13.68 9.59 -9.04
N ALA A 106 12.63 9.33 -8.24
CA ALA A 106 11.29 9.86 -8.49
C ALA A 106 11.07 11.21 -7.85
N GLY A 107 12.07 11.68 -7.12
CA GLY A 107 11.98 12.93 -6.42
C GLY A 107 11.05 12.85 -5.21
N ALA A 108 10.92 11.65 -4.64
CA ALA A 108 10.07 11.49 -3.47
C ALA A 108 10.85 11.33 -2.15
N LYS A 109 10.27 11.80 -1.06
CA LYS A 109 10.91 11.66 0.22
C LYS A 109 10.43 10.39 0.95
N VAL A 110 11.36 9.69 1.56
CA VAL A 110 11.01 8.48 2.28
C VAL A 110 10.83 8.74 3.78
N HIS A 111 9.69 8.32 4.34
CA HIS A 111 9.48 8.48 5.76
C HIS A 111 9.49 7.11 6.38
N VAL A 112 10.45 6.84 7.28
CA VAL A 112 10.56 5.55 7.94
C VAL A 112 9.87 5.58 9.28
N ILE A 113 8.95 4.67 9.46
CA ILE A 113 8.21 4.64 10.68
C ILE A 113 8.33 3.32 11.41
N ASP A 114 8.75 3.41 12.67
CA ASP A 114 8.86 2.25 13.51
C ASP A 114 7.54 2.03 14.25
N VAL A 115 6.80 0.98 13.84
CA VAL A 115 5.54 0.63 14.49
C VAL A 115 5.68 -0.57 15.43
N GLY A 116 6.87 -1.16 15.49
CA GLY A 116 7.06 -2.30 16.39
C GLY A 116 8.27 -3.15 16.10
N ILE A 117 9.43 -2.50 15.88
CA ILE A 117 10.66 -3.24 15.64
C ILE A 117 11.14 -3.84 16.98
N ASP A 118 11.62 -5.08 16.98
CA ASP A 118 12.09 -5.74 18.20
C ASP A 118 13.57 -5.44 18.37
N ALA A 119 13.86 -4.21 18.76
CA ALA A 119 15.19 -3.71 18.94
C ALA A 119 15.09 -2.37 19.64
N GLU A 120 16.24 -1.81 20.02
CA GLU A 120 16.27 -0.50 20.65
C GLU A 120 15.84 0.51 19.59
N PRO A 121 15.29 1.65 20.00
CA PRO A 121 14.91 2.67 19.07
C PRO A 121 16.06 3.10 18.17
N ILE A 122 15.72 3.47 16.94
CA ILE A 122 16.71 3.88 15.98
C ILE A 122 16.59 5.36 15.74
N PRO A 123 17.66 6.03 16.02
CA PRO A 123 17.65 7.45 15.82
C PRO A 123 17.38 7.75 14.37
N GLY A 124 16.54 8.76 14.14
CA GLY A 124 16.19 9.16 12.78
C GLY A 124 14.90 8.57 12.27
N VAL A 125 14.45 7.52 12.91
CA VAL A 125 13.22 6.85 12.52
C VAL A 125 12.04 7.37 13.32
N VAL A 126 10.90 7.56 12.64
CA VAL A 126 9.71 8.03 13.30
C VAL A 126 9.25 6.96 14.28
N ASN A 127 9.06 7.37 15.53
CA ASN A 127 8.67 6.46 16.59
C ASN A 127 7.15 6.34 16.83
N MET A 128 6.58 5.18 16.50
CA MET A 128 5.16 4.91 16.76
C MET A 128 5.04 3.47 17.22
N ARG A 129 6.11 3.01 17.88
CA ARG A 129 6.18 1.64 18.30
C ARG A 129 5.05 1.18 19.19
N VAL A 130 4.40 0.08 18.79
CA VAL A 130 3.33 -0.48 19.58
C VAL A 130 3.91 -1.36 20.64
N ALA A 131 4.81 -2.23 20.20
CA ALA A 131 5.54 -3.17 21.03
C ALA A 131 6.77 -3.63 20.31
N ARG A 132 7.59 -4.40 21.03
CA ARG A 132 8.81 -4.99 20.48
C ARG A 132 8.41 -6.24 19.72
N GLY A 133 7.87 -6.05 18.53
CA GLY A 133 7.38 -7.16 17.72
C GLY A 133 5.94 -7.53 18.12
N CYS A 134 5.16 -8.10 17.17
CA CYS A 134 3.80 -8.48 17.49
C CYS A 134 3.73 -9.94 17.96
N GLY A 135 2.60 -10.31 18.54
CA GLY A 135 2.44 -11.68 18.97
C GLY A 135 2.54 -12.64 17.77
N ASN A 136 2.85 -13.90 18.08
CA ASN A 136 2.98 -15.00 17.12
C ASN A 136 1.60 -15.52 16.76
N ILE A 137 1.17 -15.16 15.56
CA ILE A 137 -0.16 -15.51 15.11
C ILE A 137 -0.46 -17.00 15.08
N ALA A 138 0.57 -17.83 15.03
CA ALA A 138 0.35 -19.27 14.99
C ALA A 138 -0.31 -19.80 16.26
N VAL A 139 -0.12 -19.08 17.37
CA VAL A 139 -0.62 -19.51 18.65
C VAL A 139 -1.59 -18.55 19.30
N GLY A 140 -1.83 -17.42 18.63
CA GLY A 140 -2.73 -16.45 19.18
C GLY A 140 -2.79 -15.26 18.26
N PRO A 141 -3.38 -14.15 18.74
CA PRO A 141 -3.50 -12.94 17.95
C PRO A 141 -2.22 -12.13 17.93
N ALA A 142 -2.05 -11.36 16.89
CA ALA A 142 -0.88 -10.50 16.76
C ALA A 142 -0.90 -9.37 17.81
N MET A 143 -2.10 -8.88 18.12
CA MET A 143 -2.27 -7.81 19.05
C MET A 143 -3.70 -7.73 19.41
N SER A 144 -4.02 -6.75 20.24
CA SER A 144 -5.39 -6.50 20.65
C SER A 144 -6.10 -5.58 19.67
N ARG A 145 -7.43 -5.63 19.66
CA ARG A 145 -8.22 -4.75 18.78
C ARG A 145 -7.94 -3.27 19.05
N LEU A 146 -7.76 -2.98 20.34
CA LEU A 146 -7.48 -1.66 20.81
C LEU A 146 -6.22 -1.13 20.18
N GLN A 147 -5.18 -1.96 20.29
CA GLN A 147 -3.88 -1.62 19.74
C GLN A 147 -3.97 -1.34 18.25
N ALA A 148 -4.76 -2.12 17.56
CA ALA A 148 -4.89 -1.95 16.13
C ALA A 148 -5.57 -0.65 15.77
N GLU A 149 -6.68 -0.40 16.46
CA GLU A 149 -7.43 0.81 16.25
C GLU A 149 -6.60 2.05 16.52
N ALA A 150 -5.83 2.01 17.61
CA ALA A 150 -5.03 3.16 17.97
C ALA A 150 -3.97 3.46 16.94
N LEU A 151 -3.33 2.40 16.42
CA LEU A 151 -2.31 2.57 15.41
C LEU A 151 -2.94 3.10 14.11
N LEU A 152 -4.11 2.56 13.76
CA LEU A 152 -4.83 3.03 12.60
C LEU A 152 -5.00 4.54 12.68
N LEU A 153 -5.43 4.97 13.86
CA LEU A 153 -5.67 6.39 14.14
C LEU A 153 -4.43 7.24 14.05
N GLU A 154 -3.40 6.82 14.76
CA GLU A 154 -2.15 7.52 14.76
C GLU A 154 -1.52 7.65 13.37
N VAL A 155 -1.53 6.56 12.62
CA VAL A 155 -0.93 6.60 11.29
C VAL A 155 -1.72 7.47 10.34
N SER A 156 -3.06 7.34 10.39
CA SER A 156 -3.94 8.11 9.54
C SER A 156 -3.74 9.61 9.73
N ARG A 157 -3.54 9.98 11.00
CA ARG A 157 -3.34 11.38 11.35
C ARG A 157 -2.03 11.90 10.80
N TYR A 158 -0.96 11.15 11.03
CA TYR A 158 0.35 11.50 10.57
C TYR A 158 0.35 11.71 9.06
N THR A 159 -0.40 10.85 8.38
CA THR A 159 -0.53 10.86 6.94
C THR A 159 -1.20 12.13 6.42
N CYS A 160 -2.38 12.44 6.97
CA CYS A 160 -3.15 13.63 6.55
C CYS A 160 -2.34 14.90 6.89
N ASP A 161 -1.59 14.87 8.00
CA ASP A 161 -0.77 15.99 8.41
C ASP A 161 0.30 16.35 7.37
N LEU A 162 0.86 15.33 6.70
CA LEU A 162 1.86 15.57 5.64
C LEU A 162 1.21 16.36 4.51
N ALA A 163 -0.07 16.09 4.28
CA ALA A 163 -0.79 16.80 3.26
C ALA A 163 -0.70 18.30 3.50
N GLN A 164 -0.79 18.68 4.76
CA GLN A 164 -0.72 20.08 5.14
C GLN A 164 0.63 20.69 4.75
N ARG A 165 1.58 19.83 4.50
CA ARG A 165 2.91 20.30 4.15
C ARG A 165 3.23 20.25 2.66
N GLY A 166 2.23 20.00 1.83
CA GLY A 166 2.47 19.97 0.40
C GLY A 166 2.50 18.59 -0.25
N VAL A 167 2.45 17.53 0.55
CA VAL A 167 2.46 16.22 -0.06
C VAL A 167 1.11 15.95 -0.73
N THR A 168 1.13 15.55 -2.01
CA THR A 168 -0.12 15.27 -2.72
C THR A 168 -0.24 13.82 -3.15
N LEU A 169 0.86 13.09 -3.03
CA LEU A 169 0.91 11.70 -3.51
C LEU A 169 1.65 10.80 -2.56
N PHE A 170 1.00 9.73 -2.16
CA PHE A 170 1.68 8.86 -1.26
C PHE A 170 1.97 7.53 -1.89
N GLY A 171 2.99 6.92 -1.33
CA GLY A 171 3.45 5.60 -1.63
C GLY A 171 3.45 4.88 -0.29
N VAL A 172 3.12 3.62 -0.31
CA VAL A 172 3.06 2.84 0.90
C VAL A 172 4.07 1.65 0.85
N GLY A 173 4.76 1.42 1.97
CA GLY A 173 5.71 0.32 2.03
C GLY A 173 5.90 -0.27 3.44
N GLU A 174 6.68 -1.33 3.50
CA GLU A 174 6.94 -2.00 4.75
C GLU A 174 8.33 -2.62 4.80
N LEU A 175 8.68 -3.08 6.00
CA LEU A 175 9.92 -3.75 6.31
C LEU A 175 9.66 -4.56 7.58
N GLY A 176 9.77 -5.88 7.49
CA GLY A 176 9.53 -6.75 8.63
C GLY A 176 9.73 -8.20 8.25
N MET A 177 10.80 -8.79 8.82
CA MET A 177 11.14 -10.18 8.53
C MET A 177 9.97 -11.06 8.92
N ALA A 178 9.61 -11.97 8.01
CA ALA A 178 8.49 -12.90 8.18
C ALA A 178 7.13 -12.28 7.86
N ASN A 179 7.09 -11.03 7.43
CA ASN A 179 5.77 -10.42 7.20
C ASN A 179 4.92 -11.00 6.07
N THR A 180 5.52 -11.77 5.16
CA THR A 180 4.72 -12.37 4.08
C THR A 180 3.78 -13.46 4.59
N THR A 181 4.03 -13.91 5.82
CA THR A 181 3.19 -14.92 6.43
C THR A 181 1.83 -14.32 6.87
N PRO A 182 1.84 -13.28 7.72
CA PRO A 182 0.58 -12.65 8.09
C PRO A 182 -0.14 -12.16 6.83
N ALA A 183 0.64 -11.70 5.85
CA ALA A 183 0.07 -11.23 4.59
C ALA A 183 -0.72 -12.34 3.92
N ALA A 184 -0.12 -13.51 3.83
CA ALA A 184 -0.86 -14.57 3.20
C ALA A 184 -2.10 -14.94 4.02
N ALA A 185 -1.97 -14.91 5.35
CA ALA A 185 -3.11 -15.27 6.18
C ALA A 185 -4.28 -14.36 5.90
N MET A 186 -3.99 -13.04 5.84
CA MET A 186 -5.00 -12.04 5.56
C MET A 186 -5.66 -12.28 4.22
N VAL A 187 -4.84 -12.51 3.23
CA VAL A 187 -5.35 -12.76 1.89
C VAL A 187 -6.26 -13.97 1.84
N SER A 188 -5.83 -15.03 2.48
CA SER A 188 -6.64 -16.22 2.52
C SER A 188 -8.02 -15.92 3.12
N VAL A 189 -8.01 -15.25 4.26
CA VAL A 189 -9.23 -14.88 4.95
C VAL A 189 -10.15 -13.98 4.14
N PHE A 190 -9.61 -12.92 3.58
CA PHE A 190 -10.43 -12.00 2.82
C PHE A 190 -10.99 -12.58 1.53
N THR A 191 -10.19 -13.37 0.84
CA THR A 191 -10.57 -13.90 -0.44
C THR A 191 -11.20 -15.27 -0.37
N GLY A 192 -11.05 -15.95 0.76
CA GLY A 192 -11.61 -17.28 0.88
C GLY A 192 -10.81 -18.32 0.10
N SER A 193 -9.56 -17.98 -0.23
CA SER A 193 -8.68 -18.90 -0.94
C SER A 193 -7.94 -19.78 0.05
N ASP A 194 -7.60 -20.97 -0.35
CA ASP A 194 -6.87 -21.81 0.55
C ASP A 194 -5.43 -21.32 0.64
N ALA A 195 -4.84 -21.51 1.81
CA ALA A 195 -3.48 -21.11 2.07
C ALA A 195 -2.46 -21.53 1.02
N LYS A 196 -2.58 -22.74 0.52
CA LYS A 196 -1.55 -23.14 -0.42
C LYS A 196 -1.53 -22.24 -1.66
N GLU A 197 -2.70 -21.79 -2.03
CA GLU A 197 -2.83 -20.95 -3.20
C GLU A 197 -2.25 -19.54 -3.08
N VAL A 198 -2.02 -19.11 -1.86
CA VAL A 198 -1.60 -17.76 -1.59
C VAL A 198 -0.26 -17.62 -0.89
N VAL A 199 0.27 -18.71 -0.41
CA VAL A 199 1.55 -18.65 0.29
C VAL A 199 2.71 -18.69 -0.67
N GLY A 200 3.59 -17.66 -0.63
CA GLY A 200 4.72 -17.64 -1.54
C GLY A 200 6.07 -17.81 -0.86
N ILE A 201 7.14 -17.63 -1.64
CA ILE A 201 8.49 -17.78 -1.13
C ILE A 201 9.00 -16.61 -0.32
N GLY A 202 8.23 -15.51 -0.29
CA GLY A 202 8.69 -14.34 0.46
C GLY A 202 10.12 -13.97 0.04
N ALA A 203 10.99 -13.73 1.00
CA ALA A 203 12.35 -13.36 0.68
C ALA A 203 13.23 -14.61 0.53
N ASN A 204 13.09 -15.24 -0.61
CA ASN A 204 13.88 -16.41 -0.89
C ASN A 204 13.68 -17.55 0.09
N LEU A 205 12.47 -17.85 0.47
CA LEU A 205 12.30 -19.00 1.32
C LEU A 205 12.59 -20.26 0.47
N PRO A 206 13.38 -21.22 0.98
CA PRO A 206 13.64 -22.44 0.23
C PRO A 206 12.38 -23.24 -0.07
N PRO A 207 12.28 -23.70 -1.32
CA PRO A 207 11.12 -24.45 -1.76
C PRO A 207 10.70 -25.54 -0.77
N SER A 208 11.69 -26.15 -0.15
CA SER A 208 11.43 -27.20 0.80
C SER A 208 10.76 -26.73 2.08
N ARG A 209 10.82 -25.44 2.36
CA ARG A 209 10.24 -24.91 3.59
C ARG A 209 8.82 -24.41 3.41
N ILE A 210 8.32 -24.51 2.19
CA ILE A 210 7.00 -24.02 1.91
C ILE A 210 5.91 -24.65 2.76
N ASP A 211 5.87 -25.97 2.76
CA ASP A 211 4.84 -26.71 3.48
C ASP A 211 4.64 -26.20 4.89
N ASN A 212 5.76 -26.02 5.57
CA ASN A 212 5.68 -25.53 6.92
C ASN A 212 4.97 -24.16 6.96
N LYS A 213 5.36 -23.29 6.04
CA LYS A 213 4.74 -21.96 5.96
C LYS A 213 3.22 -22.05 5.79
N VAL A 214 2.80 -22.98 4.94
CA VAL A 214 1.38 -23.20 4.69
C VAL A 214 0.67 -23.72 5.95
N ASP A 215 1.35 -24.59 6.72
CA ASP A 215 0.78 -25.13 7.94
C ASP A 215 0.57 -24.04 8.98
N VAL A 216 1.60 -23.23 9.13
CA VAL A 216 1.58 -22.11 10.06
C VAL A 216 0.42 -21.17 9.76
N VAL A 217 0.25 -20.86 8.46
CA VAL A 217 -0.84 -19.97 8.06
C VAL A 217 -2.19 -20.57 8.45
N ARG A 218 -2.37 -21.84 8.09
CA ARG A 218 -3.60 -22.53 8.42
C ARG A 218 -3.89 -22.49 9.91
N ARG A 219 -2.85 -22.74 10.70
CA ARG A 219 -2.97 -22.74 12.15
C ARG A 219 -3.41 -21.39 12.68
N ALA A 220 -2.79 -20.34 12.14
CA ALA A 220 -3.08 -18.98 12.60
C ALA A 220 -4.56 -18.70 12.44
N ILE A 221 -5.07 -19.17 11.32
CA ILE A 221 -6.46 -19.00 11.02
C ILE A 221 -7.38 -19.83 11.89
N ALA A 222 -7.06 -21.11 12.00
CA ALA A 222 -7.91 -21.97 12.80
C ALA A 222 -7.96 -21.46 14.22
N ILE A 223 -6.77 -21.15 14.74
CA ILE A 223 -6.65 -20.71 16.10
C ILE A 223 -7.36 -19.39 16.41
N ASN A 224 -7.21 -18.40 15.54
CA ASN A 224 -7.79 -17.11 15.80
C ASN A 224 -9.24 -16.90 15.36
N GLN A 225 -9.66 -17.60 14.31
CA GLN A 225 -11.02 -17.45 13.82
C GLN A 225 -11.36 -16.01 13.51
N PRO A 226 -10.56 -15.36 12.69
CA PRO A 226 -10.82 -13.97 12.36
C PRO A 226 -12.09 -13.83 11.54
N ASN A 227 -12.83 -12.75 11.76
CA ASN A 227 -14.05 -12.50 11.01
C ASN A 227 -13.73 -11.71 9.72
N PRO A 228 -13.98 -12.34 8.58
CA PRO A 228 -13.70 -11.73 7.29
C PRO A 228 -14.50 -10.49 7.01
N ARG A 229 -15.60 -10.35 7.72
CA ARG A 229 -16.42 -9.19 7.49
C ARG A 229 -16.03 -8.04 8.41
N ASP A 230 -14.96 -8.23 9.16
CA ASP A 230 -14.44 -7.23 10.07
C ASP A 230 -12.93 -7.05 9.90
N GLY A 231 -12.55 -6.15 8.98
CA GLY A 231 -11.18 -5.86 8.65
C GLY A 231 -10.27 -5.62 9.84
N ILE A 232 -10.79 -4.92 10.85
CA ILE A 232 -10.01 -4.64 12.05
C ILE A 232 -9.78 -5.94 12.82
N ASP A 233 -10.79 -6.80 12.74
CA ASP A 233 -10.72 -8.09 13.39
C ASP A 233 -9.60 -8.91 12.79
N VAL A 234 -9.60 -8.94 11.48
CA VAL A 234 -8.61 -9.69 10.78
C VAL A 234 -7.19 -9.17 11.03
N LEU A 235 -6.99 -7.87 10.88
CA LEU A 235 -5.66 -7.30 11.07
C LEU A 235 -5.08 -7.58 12.45
N SER A 236 -5.93 -7.42 13.46
CA SER A 236 -5.47 -7.58 14.83
C SER A 236 -5.08 -9.00 15.20
N LYS A 237 -5.80 -9.93 14.63
CA LYS A 237 -5.63 -11.33 14.89
C LYS A 237 -4.52 -11.98 14.12
N VAL A 238 -4.59 -11.84 12.79
CA VAL A 238 -3.61 -12.49 11.92
C VAL A 238 -2.76 -11.54 11.10
N GLY A 239 -2.82 -10.24 11.43
CA GLY A 239 -1.98 -9.28 10.72
C GLY A 239 -0.66 -9.02 11.49
N GLY A 240 -0.19 -7.77 11.43
CA GLY A 240 1.03 -7.32 12.11
C GLY A 240 0.97 -5.79 12.23
N PHE A 241 1.87 -5.19 13.02
CA PHE A 241 1.91 -3.74 13.18
C PHE A 241 2.18 -3.05 11.86
N ASP A 242 3.10 -3.61 11.07
CA ASP A 242 3.42 -3.03 9.75
C ASP A 242 2.20 -3.00 8.84
N LEU A 243 1.50 -4.15 8.79
CA LEU A 243 0.27 -4.30 7.99
C LEU A 243 -0.78 -3.29 8.42
N VAL A 244 -0.95 -3.19 9.74
CA VAL A 244 -1.87 -2.21 10.29
C VAL A 244 -1.47 -0.81 9.81
N GLY A 245 -0.20 -0.47 9.97
CA GLY A 245 0.31 0.83 9.56
C GLY A 245 0.05 1.20 8.10
N MET A 246 0.21 0.22 7.20
CA MET A 246 -0.05 0.46 5.78
C MET A 246 -1.54 0.78 5.52
N THR A 247 -2.39 -0.01 6.17
CA THR A 247 -3.83 0.21 6.09
C THR A 247 -4.16 1.63 6.58
N GLY A 248 -3.46 2.07 7.64
CA GLY A 248 -3.63 3.42 8.18
C GLY A 248 -3.18 4.52 7.20
N VAL A 249 -2.19 4.23 6.38
CA VAL A 249 -1.78 5.25 5.43
C VAL A 249 -2.93 5.46 4.42
N MET A 250 -3.46 4.31 4.01
CA MET A 250 -4.57 4.25 3.11
C MET A 250 -5.78 4.99 3.65
N LEU A 251 -6.11 4.77 4.90
CA LEU A 251 -7.27 5.44 5.44
C LEU A 251 -7.04 6.94 5.55
N GLY A 252 -5.82 7.32 5.91
CA GLY A 252 -5.46 8.71 6.08
C GLY A 252 -5.47 9.50 4.78
N ALA A 253 -4.88 8.90 3.75
CA ALA A 253 -4.83 9.54 2.44
C ALA A 253 -6.25 9.77 1.91
N ALA A 254 -7.08 8.74 2.03
CA ALA A 254 -8.47 8.81 1.58
C ALA A 254 -9.25 9.91 2.34
N ARG A 255 -9.10 9.94 3.64
CA ARG A 255 -9.80 10.96 4.41
C ARG A 255 -9.34 12.36 3.95
N CYS A 256 -8.06 12.46 3.64
CA CYS A 256 -7.42 13.65 3.16
C CYS A 256 -7.80 13.91 1.70
N GLY A 257 -8.46 12.92 1.09
CA GLY A 257 -8.90 12.98 -0.30
C GLY A 257 -7.74 12.91 -1.29
N LEU A 258 -6.66 12.21 -0.88
CA LEU A 258 -5.48 12.11 -1.73
C LEU A 258 -5.18 10.69 -2.21
N PRO A 259 -4.41 10.61 -3.29
CA PRO A 259 -4.08 9.31 -3.87
C PRO A 259 -2.92 8.59 -3.17
N VAL A 260 -3.03 7.26 -3.13
CA VAL A 260 -2.04 6.36 -2.59
C VAL A 260 -1.67 5.32 -3.62
N LEU A 261 -0.36 5.17 -3.79
CA LEU A 261 0.16 4.17 -4.69
C LEU A 261 0.45 2.94 -3.88
N LEU A 262 -0.11 1.83 -4.32
CA LEU A 262 0.16 0.58 -3.67
C LEU A 262 1.57 0.11 -4.06
N ASP A 263 2.04 -0.93 -3.38
CA ASP A 263 3.32 -1.54 -3.64
C ASP A 263 3.10 -2.96 -4.15
N GLY A 264 3.55 -3.96 -3.39
CA GLY A 264 3.39 -5.36 -3.75
C GLY A 264 2.44 -6.16 -2.85
N PHE A 265 2.73 -7.44 -2.73
CA PHE A 265 1.93 -8.36 -1.93
C PHE A 265 1.54 -7.87 -0.55
N LEU A 266 2.51 -7.41 0.25
CA LEU A 266 2.13 -6.96 1.58
C LEU A 266 1.09 -5.84 1.46
N SER A 267 1.32 -4.92 0.54
CA SER A 267 0.42 -3.79 0.36
C SER A 267 -0.96 -4.24 -0.09
N TYR A 268 -1.00 -5.29 -0.92
CA TYR A 268 -2.32 -5.76 -1.34
C TYR A 268 -3.10 -6.24 -0.15
N SER A 269 -2.44 -6.94 0.77
CA SER A 269 -3.14 -7.42 1.94
C SER A 269 -3.72 -6.29 2.76
N ALA A 270 -2.92 -5.23 2.91
CA ALA A 270 -3.38 -4.09 3.69
C ALA A 270 -4.54 -3.40 2.99
N ALA A 271 -4.48 -3.39 1.67
CA ALA A 271 -5.50 -2.78 0.88
C ALA A 271 -6.82 -3.53 1.02
N LEU A 272 -6.75 -4.85 1.07
CA LEU A 272 -7.96 -5.65 1.23
C LEU A 272 -8.66 -5.26 2.54
N ALA A 273 -7.86 -5.12 3.59
CA ALA A 273 -8.37 -4.73 4.90
C ALA A 273 -8.98 -3.35 4.87
N ALA A 274 -8.28 -2.44 4.22
CA ALA A 274 -8.75 -1.07 4.16
C ALA A 274 -10.13 -0.97 3.51
N CYS A 275 -10.26 -1.66 2.40
CA CYS A 275 -11.50 -1.66 1.66
C CYS A 275 -12.59 -2.36 2.42
N GLN A 276 -12.19 -3.32 3.24
CA GLN A 276 -13.17 -4.04 4.04
C GLN A 276 -13.72 -3.10 5.10
N ILE A 277 -12.80 -2.39 5.69
CA ILE A 277 -13.10 -1.44 6.74
C ILE A 277 -13.89 -0.25 6.22
N ALA A 278 -13.48 0.26 5.05
CA ALA A 278 -14.11 1.43 4.42
C ALA A 278 -14.00 1.32 2.90
N PRO A 279 -15.11 0.96 2.25
CA PRO A 279 -15.10 0.80 0.81
C PRO A 279 -14.82 2.13 0.12
N ALA A 280 -15.13 3.21 0.85
CA ALA A 280 -14.90 4.56 0.37
C ALA A 280 -13.43 4.79 0.04
N VAL A 281 -12.56 3.96 0.60
CA VAL A 281 -11.14 4.12 0.36
C VAL A 281 -10.71 3.80 -1.07
N ARG A 282 -11.43 2.85 -1.64
CA ARG A 282 -11.16 2.30 -2.95
C ARG A 282 -10.71 3.21 -4.07
N PRO A 283 -11.49 4.23 -4.33
CA PRO A 283 -11.19 5.16 -5.40
C PRO A 283 -9.89 5.95 -5.24
N TYR A 284 -9.28 5.92 -4.06
CA TYR A 284 -8.03 6.68 -3.84
C TYR A 284 -6.79 5.87 -4.12
N LEU A 285 -6.97 4.54 -4.17
CA LEU A 285 -5.84 3.63 -4.37
C LEU A 285 -5.41 3.53 -5.81
N ILE A 286 -4.10 3.36 -6.03
CA ILE A 286 -3.56 3.23 -7.37
C ILE A 286 -2.54 2.11 -7.37
N PRO A 287 -2.75 1.09 -8.20
CA PRO A 287 -1.78 0.02 -8.22
C PRO A 287 -0.48 0.54 -8.83
N SER A 288 0.62 -0.16 -8.56
CA SER A 288 1.92 0.20 -9.10
C SER A 288 2.36 -0.95 -9.98
N HIS A 289 2.84 -2.01 -9.33
CA HIS A 289 3.31 -3.13 -10.09
C HIS A 289 2.64 -4.43 -9.68
N PHE A 290 2.93 -5.46 -10.49
CA PHE A 290 2.44 -6.79 -10.30
C PHE A 290 3.51 -7.64 -9.61
N SER A 291 3.37 -7.81 -8.29
CA SER A 291 4.31 -8.58 -7.48
C SER A 291 4.51 -10.02 -7.98
N ALA A 292 5.76 -10.50 -7.88
CA ALA A 292 6.10 -11.86 -8.25
C ALA A 292 5.73 -12.85 -7.14
N GLU A 293 5.08 -12.37 -6.08
CA GLU A 293 4.66 -13.27 -5.02
C GLU A 293 3.46 -14.11 -5.54
N LYS A 294 3.46 -15.40 -5.24
CA LYS A 294 2.41 -16.31 -5.68
C LYS A 294 0.98 -15.85 -5.48
N GLY A 295 0.64 -15.31 -4.30
CA GLY A 295 -0.72 -14.86 -4.01
C GLY A 295 -1.15 -13.53 -4.64
N ALA A 296 -0.24 -12.90 -5.39
CA ALA A 296 -0.52 -11.63 -6.05
C ALA A 296 -1.76 -11.63 -6.96
N ARG A 297 -1.81 -12.54 -7.92
CA ARG A 297 -2.94 -12.55 -8.82
C ARG A 297 -4.29 -12.60 -8.08
N ILE A 298 -4.37 -13.47 -7.07
CA ILE A 298 -5.58 -13.62 -6.29
C ILE A 298 -5.97 -12.36 -5.56
N ALA A 299 -4.99 -11.80 -4.86
CA ALA A 299 -5.19 -10.57 -4.13
C ALA A 299 -5.70 -9.45 -5.05
N LEU A 300 -5.02 -9.30 -6.19
CA LEU A 300 -5.34 -8.26 -7.18
C LEU A 300 -6.74 -8.38 -7.77
N ALA A 301 -7.14 -9.63 -8.01
CA ALA A 301 -8.44 -9.94 -8.56
C ALA A 301 -9.50 -9.48 -7.60
N HIS A 302 -9.23 -9.73 -6.34
CA HIS A 302 -10.15 -9.31 -5.30
C HIS A 302 -10.25 -7.81 -5.14
N LEU A 303 -9.17 -7.08 -5.48
CA LEU A 303 -9.20 -5.62 -5.41
C LEU A 303 -9.67 -5.05 -6.73
N SER A 304 -9.87 -5.91 -7.72
CA SER A 304 -10.25 -5.49 -9.05
C SER A 304 -9.24 -4.52 -9.59
N MET A 305 -7.97 -4.85 -9.46
CA MET A 305 -6.96 -3.94 -9.91
C MET A 305 -6.02 -4.57 -10.90
N GLU A 306 -5.59 -3.76 -11.86
CA GLU A 306 -4.64 -4.20 -12.86
C GLU A 306 -3.40 -3.29 -12.82
N PRO A 307 -2.29 -3.79 -12.26
CA PRO A 307 -1.10 -2.98 -12.16
C PRO A 307 -0.56 -2.51 -13.50
N TYR A 308 0.17 -1.41 -13.49
CA TYR A 308 0.74 -0.90 -14.71
C TYR A 308 2.07 -1.55 -15.09
N LEU A 309 2.84 -1.88 -14.07
CA LEU A 309 4.18 -2.39 -14.20
C LEU A 309 4.32 -3.88 -13.97
N HIS A 310 4.99 -4.56 -14.92
CA HIS A 310 5.26 -5.98 -14.79
C HIS A 310 6.77 -6.14 -14.73
N MET A 311 7.33 -6.11 -13.51
CA MET A 311 8.78 -6.18 -13.33
C MET A 311 9.29 -7.39 -12.59
N ALA A 312 8.38 -8.29 -12.24
CA ALA A 312 8.71 -9.48 -11.47
C ALA A 312 9.37 -9.08 -10.17
N MET A 313 9.00 -7.90 -9.64
CA MET A 313 9.63 -7.43 -8.42
C MET A 313 9.06 -8.08 -7.16
N ARG A 314 9.91 -8.22 -6.16
CA ARG A 314 9.46 -8.82 -4.92
C ARG A 314 10.36 -8.40 -3.75
N LEU A 315 10.72 -7.12 -3.73
CA LEU A 315 11.55 -6.59 -2.68
C LEU A 315 10.76 -6.02 -1.52
N GLY A 316 9.66 -5.36 -1.87
CA GLY A 316 8.87 -4.68 -0.87
C GLY A 316 9.47 -3.30 -0.62
N GLU A 317 9.27 -2.80 0.61
CA GLU A 317 9.76 -1.49 1.05
C GLU A 317 9.04 -0.30 0.43
N GLY A 318 8.13 -0.56 -0.51
CA GLY A 318 7.49 0.52 -1.20
C GLY A 318 8.29 0.82 -2.49
N SER A 319 9.16 -0.13 -2.88
CA SER A 319 10.00 0.04 -4.07
C SER A 319 9.19 0.15 -5.37
N GLY A 320 8.14 -0.66 -5.51
CA GLY A 320 7.26 -0.64 -6.68
C GLY A 320 6.52 0.71 -6.70
N ALA A 321 6.06 1.12 -5.52
CA ALA A 321 5.36 2.38 -5.35
C ALA A 321 6.15 3.55 -5.94
N ALA A 322 7.42 3.65 -5.55
CA ALA A 322 8.27 4.72 -6.05
C ALA A 322 8.48 4.65 -7.56
N LEU A 323 8.63 3.44 -8.03
CA LEU A 323 8.84 3.18 -9.42
C LEU A 323 7.67 3.68 -10.29
N ALA A 324 6.47 3.66 -9.72
CA ALA A 324 5.29 4.10 -10.47
C ALA A 324 5.01 5.62 -10.45
N MET A 325 5.61 6.34 -9.53
CA MET A 325 5.35 7.79 -9.44
C MET A 325 5.50 8.57 -10.75
N PRO A 326 6.50 8.24 -11.54
CA PRO A 326 6.66 8.95 -12.78
C PRO A 326 5.47 8.77 -13.69
N ILE A 327 4.82 7.62 -13.54
CA ILE A 327 3.67 7.36 -14.36
C ILE A 327 2.57 8.32 -13.98
N VAL A 328 2.39 8.48 -12.68
CA VAL A 328 1.38 9.40 -12.22
C VAL A 328 1.67 10.80 -12.76
N GLU A 329 2.94 11.18 -12.70
CA GLU A 329 3.30 12.49 -13.20
C GLU A 329 3.09 12.60 -14.71
N ALA A 330 3.26 11.51 -15.42
CA ALA A 330 3.07 11.55 -16.86
C ALA A 330 1.61 11.85 -17.23
N ALA A 331 0.66 11.23 -16.51
CA ALA A 331 -0.74 11.48 -16.79
C ALA A 331 -1.06 12.95 -16.57
N CYS A 332 -0.37 13.59 -15.61
CA CYS A 332 -0.61 14.99 -15.34
C CYS A 332 -0.07 15.88 -16.46
N ALA A 333 1.16 15.56 -16.86
CA ALA A 333 1.82 16.30 -17.91
C ALA A 333 1.01 16.20 -19.19
N MET A 334 0.52 14.99 -19.45
CA MET A 334 -0.31 14.79 -20.62
C MET A 334 -1.47 15.76 -20.58
N PHE A 335 -2.16 15.73 -19.45
CA PHE A 335 -3.34 16.53 -19.24
C PHE A 335 -3.13 18.01 -19.42
N HIS A 336 -2.04 18.49 -18.85
CA HIS A 336 -1.78 19.92 -18.86
C HIS A 336 -0.96 20.45 -19.99
N ASN A 337 -0.08 19.66 -20.54
CA ASN A 337 0.81 20.19 -21.54
C ASN A 337 0.50 19.86 -22.99
N MET A 338 -0.38 18.89 -23.24
CA MET A 338 -0.64 18.60 -24.63
C MET A 338 -1.47 19.67 -25.30
N GLY A 339 -1.26 19.82 -26.61
CA GLY A 339 -2.02 20.76 -27.43
C GLY A 339 -3.45 20.28 -27.67
N GLU A 340 -4.25 21.10 -28.37
CA GLU A 340 -5.65 20.81 -28.67
C GLU A 340 -5.96 20.63 -30.14
N LEU A 341 -6.78 19.62 -30.40
CA LEU A 341 -7.18 19.25 -31.75
C LEU A 341 -7.74 20.44 -32.51
N ALA A 342 -8.68 21.09 -31.85
CA ALA A 342 -9.34 22.23 -32.43
C ALA A 342 -8.39 23.32 -32.85
N ALA A 343 -7.35 23.53 -32.03
CA ALA A 343 -6.38 24.56 -32.33
C ALA A 343 -5.62 24.29 -33.62
N SER A 344 -5.57 23.03 -34.04
CA SER A 344 -4.87 22.69 -35.25
C SER A 344 -5.82 22.56 -36.43
N ASN A 345 -7.13 22.61 -36.13
CA ASN A 345 -8.15 22.45 -37.15
C ASN A 345 -8.32 20.99 -37.52
N ILE A 346 -7.78 20.10 -36.69
CA ILE A 346 -7.91 18.68 -36.96
C ILE A 346 -9.21 18.12 -36.44
N VAL A 347 -9.87 17.34 -37.29
CA VAL A 347 -11.12 16.69 -36.90
C VAL A 347 -10.99 15.18 -37.04
N LEU A 348 -11.13 14.50 -35.92
CA LEU A 348 -11.03 13.05 -35.86
C LEU A 348 -12.32 12.47 -35.31
N PRO A 349 -12.80 11.45 -36.00
CA PRO A 349 -14.00 10.70 -35.65
C PRO A 349 -14.12 10.52 -34.14
#